data_8JSX
#
_entry.id   8JSX
#
_cell.length_a   1.00
_cell.length_b   1.00
_cell.length_c   1.00
_cell.angle_alpha   90.00
_cell.angle_beta   90.00
_cell.angle_gamma   90.00
#
_symmetry.space_group_name_H-M   'P 1'
#
loop_
_entity.id
_entity.type
_entity.pdbx_description
1 polymer 'Synaptic vesicular amine transporter'
2 non-polymer Noradrenaline
#
_entity_poly.entity_id   1
_entity_poly.type   'polypeptide(L)'
_entity_poly.pdbx_seq_one_letter_code
;SRKLILFIVFLALLLDNMLLTVVVPIIPSYLYSIKHEKNATEIQTARPVHTASISDSFQSIFSYYDNSTMVTGNATRDLT
LHQTATQHMVTNASAVPSDCPSEDKDLLNENVQVGLLFASKATVQLITNPFIGLLTNRIGYPIPIFAGFCIMFVSTIMFA
FSSSYAFLLIARSLQGIGSSCSSVAGMGMLASVYTDDEERGNVMGIALGGLAMGVLVGPPFGSVLYEFVGKTAPFLVLAA
LVLLDGAIQLFVLQPSRVQPESQKGTPLTTLLKDPYILIAAGSICFANMGIAMLEPALPIWMMETMCSRKWQLGVAFLPA
SISYLIGTNIFGILAHKMGRWLCALLGMIIVGVSILCIPFAKNIYGLIAPNFGVGFAIGMVDSSMMPIMGYLVDLRHVSV
YGSVYAIADVAFCMGYAIGPSAGGAIAKAIGFPWLMTIIGIIDILFAPLCFFLRSPP
;
_entity_poly.pdbx_strand_id   A
#
# COMPACT_ATOMS: atom_id res chain seq x y z
N SER A 1 16.48 20.77 9.50
CA SER A 1 15.05 20.54 9.72
C SER A 1 14.47 19.90 8.46
N ARG A 2 14.80 18.62 8.27
CA ARG A 2 14.23 17.83 7.19
C ARG A 2 12.98 17.07 7.61
N LYS A 3 12.54 17.25 8.85
CA LYS A 3 11.32 16.62 9.31
C LYS A 3 10.08 17.16 8.62
N LEU A 4 10.17 18.34 8.01
CA LEU A 4 9.06 18.86 7.22
C LEU A 4 8.79 17.97 6.01
N ILE A 5 9.83 17.40 5.40
CA ILE A 5 9.64 16.46 4.25
C ILE A 5 8.92 15.20 4.74
N LEU A 6 9.34 14.66 5.88
CA LEU A 6 8.71 13.43 6.43
C LEU A 6 7.24 13.75 6.70
N PHE A 7 6.96 14.92 7.26
CA PHE A 7 5.56 15.24 7.62
C PHE A 7 4.73 15.25 6.34
N ILE A 8 5.25 15.87 5.27
CA ILE A 8 4.47 15.97 4.00
C ILE A 8 4.23 14.56 3.48
N VAL A 9 5.26 13.70 3.45
CA VAL A 9 5.03 12.36 2.84
C VAL A 9 3.97 11.62 3.69
N PHE A 10 4.07 11.72 5.02
CA PHE A 10 3.13 10.98 5.92
C PHE A 10 1.70 11.48 5.66
N LEU A 11 1.50 12.79 5.57
CA LEU A 11 0.13 13.35 5.40
C LEU A 11 -0.41 12.91 4.04
N ALA A 12 0.44 12.94 3.01
CA ALA A 12 -0.03 12.58 1.67
C ALA A 12 -0.47 11.11 1.71
N LEU A 13 0.33 10.25 2.33
CA LEU A 13 0.00 8.80 2.35
C LEU A 13 -1.32 8.60 3.13
N LEU A 14 -1.50 9.33 4.23
CA LEU A 14 -2.73 9.21 5.05
C LEU A 14 -3.97 9.65 4.26
N LEU A 15 -3.89 10.73 3.49
CA LEU A 15 -5.10 11.27 2.79
C LEU A 15 -5.62 10.40 1.62
N ASP A 16 -4.78 9.83 0.76
CA ASP A 16 -5.23 8.95 -0.32
C ASP A 16 -5.89 7.70 0.23
N ASN A 17 -5.32 7.12 1.29
CA ASN A 17 -5.92 5.96 1.91
C ASN A 17 -7.20 6.31 2.67
N MET A 18 -7.28 7.54 3.19
CA MET A 18 -8.53 8.00 3.78
C MET A 18 -9.61 8.11 2.72
N LEU A 19 -9.26 8.63 1.55
CA LEU A 19 -10.22 8.70 0.45
C LEU A 19 -10.49 7.32 -0.15
N LEU A 20 -9.50 6.43 -0.12
CA LEU A 20 -9.66 5.10 -0.70
C LEU A 20 -10.73 4.30 0.04
N THR A 21 -10.72 4.37 1.37
CA THR A 21 -11.65 3.57 2.16
C THR A 21 -12.99 4.26 2.38
N VAL A 22 -13.06 5.59 2.25
CA VAL A 22 -14.33 6.28 2.41
C VAL A 22 -15.26 5.97 1.24
N VAL A 23 -14.73 5.98 0.01
CA VAL A 23 -15.55 5.75 -1.18
C VAL A 23 -16.05 4.32 -1.29
N VAL A 24 -15.34 3.36 -0.68
CA VAL A 24 -15.66 1.95 -0.91
C VAL A 24 -17.08 1.58 -0.51
N PRO A 25 -17.59 1.96 0.68
CA PRO A 25 -18.96 1.57 1.02
C PRO A 25 -20.05 2.49 0.50
N ILE A 26 -19.70 3.68 0.01
CA ILE A 26 -20.72 4.66 -0.35
C ILE A 26 -21.23 4.43 -1.76
N ILE A 27 -20.32 4.32 -2.74
CA ILE A 27 -20.74 4.26 -4.15
C ILE A 27 -21.61 3.05 -4.48
N PRO A 28 -21.33 1.82 -4.02
CA PRO A 28 -22.10 0.68 -4.54
C PRO A 28 -23.59 0.78 -4.27
N SER A 29 -24.00 1.38 -3.14
CA SER A 29 -25.42 1.49 -2.83
C SER A 29 -26.13 2.41 -3.81
N TYR A 30 -25.56 3.59 -4.07
CA TYR A 30 -26.22 4.55 -4.96
C TYR A 30 -26.06 4.16 -6.42
N LEU A 31 -24.95 3.55 -6.78
CA LEU A 31 -24.70 3.15 -8.17
C LEU A 31 -25.69 2.10 -8.63
N ASN A 111 -21.08 -6.98 -11.33
CA ASN A 111 -20.18 -8.11 -11.41
C ASN A 111 -18.93 -7.78 -12.20
N VAL A 112 -19.12 -7.40 -13.46
CA VAL A 112 -18.01 -7.04 -14.33
C VAL A 112 -17.70 -5.55 -14.22
N GLN A 113 -18.72 -4.70 -14.33
CA GLN A 113 -18.51 -3.26 -14.25
C GLN A 113 -18.04 -2.84 -12.85
N VAL A 114 -18.62 -3.46 -11.81
CA VAL A 114 -18.20 -3.13 -10.44
C VAL A 114 -16.75 -3.55 -10.22
N GLY A 115 -16.37 -4.73 -10.72
CA GLY A 115 -14.98 -5.15 -10.61
C GLY A 115 -14.04 -4.23 -11.37
N LEU A 116 -14.46 -3.78 -12.55
CA LEU A 116 -13.67 -2.82 -13.31
C LEU A 116 -13.49 -1.52 -12.54
N LEU A 117 -14.56 -1.04 -11.92
CA LEU A 117 -14.47 0.17 -11.11
C LEU A 117 -13.51 -0.02 -9.95
N PHE A 118 -13.56 -1.17 -9.29
CA PHE A 118 -12.68 -1.42 -8.15
C PHE A 118 -11.23 -1.53 -8.59
N ALA A 119 -10.96 -2.16 -9.72
CA ALA A 119 -9.58 -2.42 -10.15
C ALA A 119 -8.99 -1.33 -11.03
N SER A 120 -9.78 -0.33 -11.44
CA SER A 120 -9.26 0.70 -12.32
C SER A 120 -8.14 1.50 -11.67
N LYS A 121 -8.30 1.85 -10.39
CA LYS A 121 -7.29 2.63 -9.70
C LYS A 121 -5.96 1.89 -9.67
N ALA A 122 -5.99 0.61 -9.26
CA ALA A 122 -4.77 -0.17 -9.18
C ALA A 122 -4.15 -0.36 -10.56
N THR A 123 -4.97 -0.63 -11.58
CA THR A 123 -4.44 -0.85 -12.92
C THR A 123 -3.76 0.41 -13.46
N VAL A 124 -4.41 1.56 -13.29
CA VAL A 124 -3.85 2.81 -13.79
C VAL A 124 -2.57 3.14 -13.04
N GLN A 125 -2.55 2.96 -11.72
CA GLN A 125 -1.35 3.23 -10.94
C GLN A 125 -0.20 2.32 -11.38
N LEU A 126 -0.49 1.03 -11.59
CA LEU A 126 0.54 0.10 -12.04
C LEU A 126 1.07 0.49 -13.41
N ILE A 127 0.19 0.97 -14.29
CA ILE A 127 0.64 1.38 -15.62
C ILE A 127 1.52 2.61 -15.54
N THR A 128 1.16 3.58 -14.69
CA THR A 128 1.83 4.88 -14.70
C THR A 128 3.02 4.95 -13.74
N ASN A 129 3.30 3.91 -12.95
CA ASN A 129 4.47 3.96 -12.08
C ASN A 129 5.79 4.17 -12.84
N PRO A 130 6.12 3.40 -13.87
CA PRO A 130 7.45 3.59 -14.51
C PRO A 130 7.63 4.96 -15.14
N PHE A 131 6.57 5.57 -15.68
CA PHE A 131 6.70 6.88 -16.29
C PHE A 131 7.08 7.93 -15.25
N ILE A 132 6.46 7.89 -14.08
CA ILE A 132 6.83 8.82 -13.01
C ILE A 132 8.24 8.51 -12.51
N GLY A 133 8.59 7.23 -12.42
CA GLY A 133 9.94 6.87 -12.02
C GLY A 133 11.00 7.44 -12.95
N LEU A 134 10.71 7.44 -14.25
CA LEU A 134 11.66 8.01 -15.21
C LEU A 134 11.62 9.54 -15.18
N LEU A 135 10.44 10.12 -14.92
CA LEU A 135 10.31 11.58 -14.95
C LEU A 135 11.01 12.23 -13.76
N THR A 136 11.02 11.54 -12.61
CA THR A 136 11.69 12.09 -11.43
C THR A 136 13.19 12.28 -11.66
N ASN A 137 13.80 11.46 -12.51
CA ASN A 137 15.22 11.63 -12.82
C ASN A 137 15.45 12.82 -13.75
N ARG A 138 14.41 13.29 -14.43
CA ARG A 138 14.56 14.36 -15.41
C ARG A 138 14.18 15.73 -14.84
N ILE A 139 13.15 15.80 -14.00
CA ILE A 139 12.67 17.08 -13.48
C ILE A 139 12.76 17.20 -11.97
N GLY A 140 13.03 16.12 -11.25
CA GLY A 140 13.06 16.15 -9.79
C GLY A 140 11.75 15.71 -9.18
N TYR A 141 11.74 15.69 -7.85
CA TYR A 141 10.62 15.23 -7.04
C TYR A 141 9.53 16.28 -6.78
N PRO A 142 9.86 17.54 -6.45
CA PRO A 142 8.81 18.47 -6.02
C PRO A 142 7.71 18.70 -7.04
N ILE A 143 8.03 18.78 -8.32
CA ILE A 143 7.01 19.00 -9.35
C ILE A 143 6.05 17.82 -9.41
N PRO A 144 6.51 16.53 -9.49
CA PRO A 144 5.59 15.39 -9.38
C PRO A 144 4.79 15.39 -8.06
N ILE A 145 5.43 15.69 -6.93
CA ILE A 145 4.73 15.67 -5.61
C ILE A 145 3.62 16.73 -5.63
N PHE A 146 3.91 17.93 -6.13
CA PHE A 146 2.90 19.01 -6.20
C PHE A 146 1.80 18.61 -7.18
N ALA A 147 2.18 17.97 -8.30
CA ALA A 147 1.18 17.53 -9.30
C ALA A 147 0.25 16.50 -8.65
N GLY A 148 0.80 15.64 -7.78
CA GLY A 148 -0.02 14.63 -7.09
C GLY A 148 -1.10 15.28 -6.24
N PHE A 149 -0.76 16.36 -5.53
CA PHE A 149 -1.79 17.08 -4.74
C PHE A 149 -2.87 17.66 -5.67
N CYS A 150 -2.46 18.25 -6.80
CA CYS A 150 -3.45 18.91 -7.69
C CYS A 150 -4.41 17.86 -8.26
N ILE A 151 -3.88 16.71 -8.70
CA ILE A 151 -4.72 15.61 -9.26
C ILE A 151 -5.62 15.04 -8.16
N MET A 152 -5.11 14.89 -6.94
CA MET A 152 -5.89 14.34 -5.80
C MET A 152 -6.98 15.34 -5.40
N PHE A 153 -6.67 16.63 -5.38
CA PHE A 153 -7.71 17.62 -5.10
C PHE A 153 -8.81 17.58 -6.15
N VAL A 154 -8.42 17.50 -7.43
CA VAL A 154 -9.41 17.44 -8.50
C VAL A 154 -10.27 16.18 -8.40
N SER A 155 -9.63 15.05 -8.11
CA SER A 155 -10.36 13.79 -7.97
C SER A 155 -11.33 13.84 -6.80
N THR A 156 -10.91 14.44 -5.67
CA THR A 156 -11.79 14.56 -4.52
C THR A 156 -13.00 15.43 -4.85
N ILE A 157 -12.77 16.55 -5.55
CA ILE A 157 -13.89 17.41 -5.92
C ILE A 157 -14.86 16.67 -6.84
N MET A 158 -14.31 15.95 -7.83
CA MET A 158 -15.16 15.20 -8.75
C MET A 158 -15.96 14.11 -8.02
N PHE A 159 -15.32 13.42 -7.08
CA PHE A 159 -16.04 12.45 -6.27
C PHE A 159 -17.16 13.13 -5.48
N ALA A 160 -16.90 14.33 -4.97
CA ALA A 160 -17.91 15.06 -4.21
C ALA A 160 -19.12 15.41 -5.07
N PHE A 161 -18.88 15.85 -6.31
CA PHE A 161 -19.98 16.41 -7.09
C PHE A 161 -20.53 15.48 -8.16
N SER A 162 -19.73 14.57 -8.71
CA SER A 162 -20.20 13.71 -9.79
C SER A 162 -21.09 12.60 -9.26
N SER A 163 -22.01 12.12 -10.11
CA SER A 163 -22.93 11.06 -9.72
C SER A 163 -23.16 10.05 -10.84
N SER A 164 -22.26 9.96 -11.82
CA SER A 164 -22.41 9.06 -12.95
C SER A 164 -21.29 8.02 -12.96
N TYR A 165 -21.47 6.99 -13.80
CA TYR A 165 -20.52 5.89 -13.85
C TYR A 165 -19.22 6.32 -14.54
N ALA A 166 -19.33 7.01 -15.67
CA ALA A 166 -18.13 7.45 -16.39
C ALA A 166 -17.32 8.44 -15.57
N PHE A 167 -18.00 9.36 -14.88
CA PHE A 167 -17.29 10.29 -14.01
C PHE A 167 -16.64 9.56 -12.84
N LEU A 168 -17.28 8.50 -12.34
CA LEU A 168 -16.65 7.70 -11.29
C LEU A 168 -15.37 7.04 -11.81
N LEU A 169 -15.41 6.50 -13.04
CA LEU A 169 -14.22 5.90 -13.62
C LEU A 169 -13.12 6.94 -13.78
N ILE A 170 -13.46 8.13 -14.28
CA ILE A 170 -12.45 9.18 -14.45
C ILE A 170 -11.85 9.58 -13.11
N ALA A 171 -12.70 9.73 -12.09
CA ALA A 171 -12.20 10.12 -10.77
C ALA A 171 -11.29 9.04 -10.19
N ARG A 172 -11.65 7.77 -10.36
CA ARG A 172 -10.81 6.70 -9.84
C ARG A 172 -9.48 6.63 -10.58
N SER A 173 -9.49 6.84 -11.90
CA SER A 173 -8.24 6.85 -12.66
C SER A 173 -7.35 8.00 -12.23
N LEU A 174 -7.93 9.19 -12.03
CA LEU A 174 -7.14 10.33 -11.56
C LEU A 174 -6.59 10.08 -10.17
N GLN A 175 -7.39 9.44 -9.30
CA GLN A 175 -6.91 9.09 -7.97
C GLN A 175 -5.72 8.12 -8.06
N GLY A 176 -5.80 7.16 -8.98
CA GLY A 176 -4.69 6.24 -9.17
C GLY A 176 -3.42 6.95 -9.64
N ILE A 177 -3.56 7.87 -10.59
CA ILE A 177 -2.41 8.61 -11.08
C ILE A 177 -1.78 9.44 -9.96
N GLY A 178 -2.63 10.14 -9.19
CA GLY A 178 -2.13 10.94 -8.09
C GLY A 178 -1.46 10.10 -7.01
N SER A 179 -2.04 8.95 -6.70
CA SER A 179 -1.45 8.07 -5.71
C SER A 179 -0.11 7.54 -6.17
N SER A 180 0.00 7.17 -7.45
CA SER A 180 1.29 6.72 -7.97
C SER A 180 2.34 7.82 -7.85
N CYS A 181 1.99 9.04 -8.28
CA CYS A 181 2.93 10.16 -8.19
C CYS A 181 3.36 10.38 -6.75
N SER A 182 2.39 10.46 -5.83
CA SER A 182 2.71 10.74 -4.44
C SER A 182 3.61 9.66 -3.86
N SER A 183 3.23 8.39 -4.02
CA SER A 183 4.00 7.30 -3.43
C SER A 183 5.42 7.26 -3.97
N VAL A 184 5.57 7.26 -5.30
CA VAL A 184 6.90 7.12 -5.89
C VAL A 184 7.77 8.32 -5.54
N ALA A 185 7.25 9.53 -5.72
CA ALA A 185 8.05 10.72 -5.45
C ALA A 185 8.41 10.84 -3.98
N GLY A 186 7.46 10.55 -3.08
CA GLY A 186 7.75 10.66 -1.66
C GLY A 186 8.76 9.64 -1.20
N MET A 187 8.63 8.38 -1.65
CA MET A 187 9.60 7.37 -1.26
C MET A 187 10.98 7.70 -1.82
N GLY A 188 11.05 8.17 -3.06
CA GLY A 188 12.34 8.56 -3.63
C GLY A 188 12.98 9.70 -2.88
N MET A 189 12.20 10.72 -2.53
CA MET A 189 12.74 11.86 -1.80
C MET A 189 13.19 11.44 -0.40
N LEU A 190 12.41 10.59 0.27
CA LEU A 190 12.82 10.11 1.59
C LEU A 190 14.12 9.32 1.51
N ALA A 191 14.26 8.48 0.48
CA ALA A 191 15.50 7.73 0.33
C ALA A 191 16.68 8.65 -0.01
N SER A 192 16.41 9.73 -0.76
CA SER A 192 17.49 10.63 -1.15
C SER A 192 17.94 11.54 -0.02
N VAL A 193 17.03 11.93 0.87
CA VAL A 193 17.38 12.85 1.96
C VAL A 193 18.00 12.12 3.13
N TYR A 194 17.39 11.03 3.58
CA TYR A 194 17.89 10.25 4.71
C TYR A 194 18.83 9.18 4.15
N THR A 195 20.07 9.58 3.88
CA THR A 195 21.04 8.69 3.25
C THR A 195 21.59 7.62 4.20
N ASP A 196 21.41 7.79 5.51
CA ASP A 196 21.89 6.78 6.45
C ASP A 196 21.04 5.51 6.33
N ASP A 197 21.69 4.37 6.50
CA ASP A 197 20.99 3.09 6.33
C ASP A 197 19.96 2.86 7.41
N GLU A 198 20.31 3.14 8.67
CA GLU A 198 19.37 2.90 9.76
C GLU A 198 18.28 3.96 9.79
N GLU A 199 18.64 5.23 9.57
CA GLU A 199 17.65 6.29 9.59
C GLU A 199 16.65 6.14 8.44
N ARG A 200 17.08 5.55 7.33
CA ARG A 200 16.16 5.30 6.22
C ARG A 200 15.02 4.38 6.65
N GLY A 201 15.36 3.26 7.29
CA GLY A 201 14.33 2.38 7.82
C GLY A 201 13.51 3.05 8.92
N ASN A 202 14.17 3.85 9.75
CA ASN A 202 13.47 4.54 10.83
C ASN A 202 12.39 5.47 10.29
N VAL A 203 12.67 6.17 9.21
CA VAL A 203 11.68 7.12 8.68
C VAL A 203 10.66 6.40 7.80
N MET A 204 11.06 5.36 7.08
CA MET A 204 10.07 4.63 6.30
C MET A 204 9.10 3.84 7.19
N GLY A 205 9.50 3.52 8.42
CA GLY A 205 8.54 2.95 9.36
C GLY A 205 7.37 3.88 9.62
N ILE A 206 7.66 5.15 9.88
CA ILE A 206 6.61 6.15 10.09
C ILE A 206 5.84 6.38 8.79
N ALA A 207 6.55 6.43 7.67
CA ALA A 207 5.87 6.64 6.39
C ALA A 207 4.87 5.54 6.10
N LEU A 208 5.24 4.28 6.34
CA LEU A 208 4.30 3.14 6.11
C LEU A 208 3.22 3.20 7.18
N GLY A 209 3.49 3.86 8.31
CA GLY A 209 2.49 4.03 9.38
C GLY A 209 1.31 4.88 8.91
N GLY A 210 1.56 5.88 8.07
CA GLY A 210 0.50 6.78 7.58
C GLY A 210 -0.55 6.03 6.78
N LEU A 211 -0.13 5.06 5.95
CA LEU A 211 -1.10 4.25 5.20
C LEU A 211 -2.00 3.49 6.19
N ALA A 212 -1.41 2.90 7.23
CA ALA A 212 -2.17 2.12 8.23
C ALA A 212 -3.16 3.01 8.97
N MET A 213 -2.73 4.21 9.35
CA MET A 213 -3.61 5.15 10.09
C MET A 213 -4.80 5.51 9.19
N GLY A 214 -4.55 5.75 7.90
CA GLY A 214 -5.64 6.12 6.98
C GLY A 214 -6.68 5.03 6.85
N VAL A 215 -6.23 3.78 6.74
CA VAL A 215 -7.17 2.62 6.60
C VAL A 215 -8.03 2.51 7.86
N LEU A 216 -7.43 2.65 9.04
CA LEU A 216 -8.18 2.57 10.32
C LEU A 216 -9.12 3.78 10.51
N VAL A 217 -8.63 5.01 10.33
CA VAL A 217 -9.42 6.25 10.57
C VAL A 217 -10.52 6.48 9.53
N GLY A 218 -10.24 6.21 8.25
CA GLY A 218 -11.19 6.53 7.17
C GLY A 218 -12.61 6.00 7.35
N PRO A 219 -12.89 4.67 7.52
CA PRO A 219 -14.28 4.17 7.54
C PRO A 219 -15.15 4.87 8.56
N PRO A 220 -14.74 4.98 9.84
CA PRO A 220 -15.63 5.68 10.79
C PRO A 220 -15.88 7.14 10.44
N PHE A 221 -14.83 7.83 9.97
CA PHE A 221 -14.97 9.22 9.53
C PHE A 221 -16.01 9.34 8.43
N GLY A 222 -15.87 8.54 7.38
CA GLY A 222 -16.83 8.57 6.29
C GLY A 222 -18.24 8.21 6.74
N SER A 223 -18.35 7.20 7.60
CA SER A 223 -19.68 6.76 8.05
C SER A 223 -20.38 7.85 8.84
N VAL A 224 -19.68 8.46 9.79
CA VAL A 224 -20.33 9.47 10.63
C VAL A 224 -20.68 10.71 9.79
N LEU A 225 -19.78 11.13 8.89
CA LEU A 225 -20.10 12.32 8.10
C LEU A 225 -21.22 12.05 7.11
N TYR A 226 -21.30 10.84 6.56
CA TYR A 226 -22.41 10.51 5.67
C TYR A 226 -23.72 10.40 6.43
N GLU A 227 -23.67 9.90 7.67
CA GLU A 227 -24.91 9.75 8.45
C GLU A 227 -25.46 11.10 8.91
N PHE A 228 -24.58 11.97 9.41
CA PHE A 228 -25.06 13.19 10.04
C PHE A 228 -25.26 14.34 9.06
N VAL A 229 -24.19 14.76 8.39
CA VAL A 229 -24.25 15.99 7.59
C VAL A 229 -24.82 15.70 6.20
N GLY A 230 -24.15 14.87 5.42
CA GLY A 230 -24.61 14.59 4.07
C GLY A 230 -23.59 13.80 3.30
N LYS A 231 -23.96 13.47 2.06
CA LYS A 231 -23.11 12.66 1.21
C LYS A 231 -21.83 13.39 0.83
N THR A 232 -21.91 14.69 0.54
CA THR A 232 -20.76 15.45 0.06
C THR A 232 -19.88 15.98 1.19
N ALA A 233 -20.32 15.89 2.44
CA ALA A 233 -19.54 16.45 3.54
C ALA A 233 -18.18 15.79 3.73
N PRO A 234 -18.06 14.45 3.76
CA PRO A 234 -16.72 13.86 3.91
C PRO A 234 -15.78 14.26 2.79
N PHE A 235 -16.27 14.33 1.56
CA PHE A 235 -15.42 14.70 0.45
C PHE A 235 -15.01 16.17 0.52
N LEU A 236 -15.92 17.04 0.97
CA LEU A 236 -15.56 18.45 1.14
C LEU A 236 -14.51 18.61 2.23
N VAL A 237 -14.65 17.88 3.33
CA VAL A 237 -13.66 17.96 4.41
C VAL A 237 -12.31 17.44 3.92
N LEU A 238 -12.32 16.34 3.16
CA LEU A 238 -11.07 15.81 2.60
C LEU A 238 -10.45 16.82 1.64
N ALA A 239 -11.27 17.51 0.85
CA ALA A 239 -10.74 18.53 -0.05
C ALA A 239 -10.10 19.68 0.72
N ALA A 240 -10.72 20.08 1.83
CA ALA A 240 -10.12 21.13 2.66
C ALA A 240 -8.78 20.68 3.24
N LEU A 241 -8.71 19.43 3.71
CA LEU A 241 -7.44 18.91 4.23
C LEU A 241 -6.38 18.85 3.14
N VAL A 242 -6.77 18.44 1.94
CA VAL A 242 -5.82 18.39 0.82
C VAL A 242 -5.35 19.79 0.47
N LEU A 243 -6.24 20.79 0.54
CA LEU A 243 -5.84 22.17 0.29
C LEU A 243 -4.83 22.64 1.33
N LEU A 244 -5.04 22.29 2.59
CA LEU A 244 -4.07 22.64 3.62
C LEU A 244 -2.72 21.97 3.37
N ASP A 245 -2.75 20.69 2.98
CA ASP A 245 -1.51 19.98 2.66
C ASP A 245 -0.79 20.63 1.49
N GLY A 246 -1.54 21.05 0.47
CA GLY A 246 -0.93 21.71 -0.67
C GLY A 246 -0.34 23.07 -0.32
N ALA A 247 -1.01 23.81 0.57
CA ALA A 247 -0.44 25.07 1.04
C ALA A 247 0.87 24.83 1.78
N ILE A 248 0.91 23.80 2.64
CA ILE A 248 2.15 23.46 3.32
C ILE A 248 3.24 23.09 2.31
N GLN A 249 2.89 22.28 1.31
CA GLN A 249 3.85 21.87 0.29
C GLN A 249 4.40 23.08 -0.46
N LEU A 250 3.54 24.01 -0.85
CA LEU A 250 3.99 25.22 -1.50
C LEU A 250 4.90 26.04 -0.60
N PHE A 251 4.62 26.04 0.71
CA PHE A 251 5.44 26.82 1.63
C PHE A 251 6.85 26.22 1.76
N VAL A 252 6.96 24.89 1.86
CA VAL A 252 8.26 24.29 2.15
C VAL A 252 8.93 23.75 0.89
N LEU A 253 8.21 22.99 0.06
CA LEU A 253 8.84 22.38 -1.11
C LEU A 253 9.25 23.44 -2.13
N GLN A 254 8.39 24.43 -2.36
CA GLN A 254 8.63 25.52 -3.29
C GLN A 254 8.92 25.00 -4.70
N PRO A 255 7.94 24.41 -5.39
CA PRO A 255 8.17 23.90 -6.76
C PRO A 255 8.10 25.00 -7.82
N SER A 256 9.13 25.83 -7.85
CA SER A 256 9.16 26.98 -8.75
C SER A 256 9.86 26.68 -10.07
N ARG A 257 10.97 25.96 -10.03
CA ARG A 257 11.77 25.68 -11.22
C ARG A 257 11.93 24.18 -11.41
N VAL A 258 12.53 23.82 -12.55
CA VAL A 258 12.78 22.43 -12.91
C VAL A 258 14.27 22.17 -12.78
N GLN A 259 14.64 21.17 -11.98
CA GLN A 259 16.03 20.86 -11.71
C GLN A 259 16.33 19.40 -12.08
N PRO A 260 17.10 19.14 -13.14
CA PRO A 260 17.48 17.77 -13.45
C PRO A 260 18.48 17.22 -12.44
N GLU A 261 18.52 15.89 -12.35
CA GLU A 261 19.43 15.23 -11.45
C GLU A 261 20.83 15.15 -12.07
N SER A 262 21.79 14.68 -11.27
CA SER A 262 23.19 14.73 -11.66
C SER A 262 23.55 13.60 -12.62
N GLN A 263 23.35 12.35 -12.22
CA GLN A 263 23.84 11.20 -12.96
C GLN A 263 22.70 10.47 -13.66
N LYS A 264 23.04 9.38 -14.33
CA LYS A 264 22.10 8.61 -15.11
C LYS A 264 21.18 7.81 -14.17
N GLY A 265 20.32 6.99 -14.76
CA GLY A 265 19.26 6.36 -13.99
C GLY A 265 19.30 4.85 -13.85
N THR A 266 20.27 4.18 -14.49
CA THR A 266 20.39 2.72 -14.44
C THR A 266 19.09 2.10 -14.94
N PRO A 267 18.87 2.09 -16.27
CA PRO A 267 17.54 1.77 -16.82
C PRO A 267 16.88 0.51 -16.28
N LEU A 268 15.55 0.45 -16.43
CA LEU A 268 14.76 -0.60 -15.79
C LEU A 268 15.16 -1.99 -16.25
N THR A 269 15.64 -2.12 -17.49
CA THR A 269 16.02 -3.43 -17.99
C THR A 269 17.19 -4.01 -17.21
N THR A 270 18.14 -3.18 -16.79
CA THR A 270 19.26 -3.67 -15.99
C THR A 270 18.82 -3.99 -14.56
N LEU A 271 17.94 -3.16 -14.00
CA LEU A 271 17.47 -3.40 -12.64
C LEU A 271 16.64 -4.67 -12.54
N LEU A 272 15.83 -4.95 -13.57
CA LEU A 272 14.97 -6.13 -13.54
C LEU A 272 15.73 -7.43 -13.74
N LYS A 273 17.01 -7.37 -14.13
CA LYS A 273 17.84 -8.56 -14.24
C LYS A 273 18.55 -8.92 -12.95
N ASP A 274 18.45 -8.09 -11.92
CA ASP A 274 19.09 -8.39 -10.64
C ASP A 274 18.26 -9.42 -9.88
N PRO A 275 18.84 -10.56 -9.52
CA PRO A 275 18.06 -11.56 -8.78
C PRO A 275 17.64 -11.12 -7.39
N TYR A 276 18.43 -10.26 -6.73
CA TYR A 276 18.10 -9.86 -5.37
C TYR A 276 16.92 -8.90 -5.34
N ILE A 277 16.90 -7.94 -6.27
CA ILE A 277 15.75 -7.04 -6.38
C ILE A 277 14.51 -7.84 -6.74
N LEU A 278 14.66 -8.83 -7.62
CA LEU A 278 13.52 -9.69 -7.96
C LEU A 278 13.02 -10.46 -6.75
N ILE A 279 13.93 -10.96 -5.92
CA ILE A 279 13.53 -11.70 -4.72
C ILE A 279 12.77 -10.79 -3.77
N ALA A 280 13.28 -9.59 -3.54
CA ALA A 280 12.60 -8.66 -2.64
C ALA A 280 11.22 -8.28 -3.17
N ALA A 281 11.13 -7.98 -4.47
CA ALA A 281 9.85 -7.62 -5.06
C ALA A 281 8.86 -8.79 -5.00
N GLY A 282 9.34 -10.01 -5.23
CA GLY A 282 8.46 -11.16 -5.15
C GLY A 282 7.97 -11.41 -3.75
N SER A 283 8.84 -11.25 -2.75
CA SER A 283 8.41 -11.41 -1.37
C SER A 283 7.33 -10.39 -1.01
N ILE A 284 7.55 -9.12 -1.40
CA ILE A 284 6.54 -8.09 -1.13
C ILE A 284 5.24 -8.43 -1.84
N CYS A 285 5.33 -8.84 -3.11
CA CYS A 285 4.12 -9.10 -3.89
C CYS A 285 3.33 -10.25 -3.30
N PHE A 286 3.99 -11.34 -2.90
CA PHE A 286 3.28 -12.47 -2.33
C PHE A 286 2.67 -12.12 -0.98
N ALA A 287 3.44 -11.43 -0.13
CA ALA A 287 2.94 -11.06 1.18
C ALA A 287 1.71 -10.18 1.08
N ASN A 288 1.71 -9.23 0.14
CA ASN A 288 0.54 -8.37 -0.02
C ASN A 288 -0.60 -9.07 -0.74
N MET A 289 -0.30 -9.97 -1.68
CA MET A 289 -1.35 -10.70 -2.37
C MET A 289 -2.12 -11.61 -1.43
N GLY A 290 -1.44 -12.15 -0.42
CA GLY A 290 -2.15 -12.93 0.59
C GLY A 290 -3.33 -12.18 1.18
N ILE A 291 -3.07 -11.01 1.78
CA ILE A 291 -4.15 -10.23 2.39
C ILE A 291 -5.08 -9.67 1.33
N ALA A 292 -4.57 -9.36 0.14
CA ALA A 292 -5.42 -8.83 -0.92
C ALA A 292 -6.49 -9.83 -1.33
N MET A 293 -6.13 -11.11 -1.42
CA MET A 293 -7.12 -12.15 -1.68
C MET A 293 -7.96 -12.49 -0.45
N LEU A 294 -7.37 -12.37 0.75
CA LEU A 294 -8.08 -12.77 1.96
C LEU A 294 -9.21 -11.80 2.31
N GLU A 295 -8.96 -10.50 2.15
CA GLU A 295 -9.89 -9.50 2.68
C GLU A 295 -11.30 -9.58 2.08
N PRO A 296 -11.54 -9.67 0.74
CA PRO A 296 -12.91 -9.83 0.23
C PRO A 296 -13.52 -11.24 0.38
N ALA A 297 -12.71 -12.29 0.33
CA ALA A 297 -13.19 -13.69 0.42
C ALA A 297 -13.74 -14.05 1.81
N LEU A 298 -13.11 -13.57 2.89
CA LEU A 298 -13.50 -13.99 4.26
C LEU A 298 -14.96 -13.64 4.59
N PRO A 299 -15.53 -12.45 4.28
CA PRO A 299 -16.90 -12.16 4.68
C PRO A 299 -17.92 -13.17 4.12
N ILE A 300 -17.75 -13.61 2.86
CA ILE A 300 -18.70 -14.58 2.24
C ILE A 300 -18.67 -15.90 3.02
N TRP A 301 -17.49 -16.39 3.38
CA TRP A 301 -17.37 -17.66 4.14
C TRP A 301 -18.00 -17.50 5.52
N MET A 302 -17.80 -16.33 6.15
CA MET A 302 -18.34 -16.10 7.52
C MET A 302 -19.87 -16.15 7.49
N MET A 303 -20.51 -15.55 6.48
CA MET A 303 -21.98 -15.64 6.37
C MET A 303 -22.40 -17.10 6.10
N GLU A 304 -21.69 -17.80 5.23
CA GLU A 304 -22.06 -19.19 4.85
C GLU A 304 -21.92 -20.15 6.05
N THR A 305 -20.86 -19.98 6.85
CA THR A 305 -20.59 -20.97 7.94
C THR A 305 -21.13 -20.51 9.30
N MET A 306 -20.85 -19.28 9.73
CA MET A 306 -21.21 -18.89 11.09
C MET A 306 -22.49 -18.07 11.17
N CYS A 307 -23.02 -17.62 10.04
CA CYS A 307 -24.25 -16.81 10.02
C CYS A 307 -24.15 -15.61 10.94
N SER A 308 -22.99 -14.94 10.90
CA SER A 308 -22.76 -13.78 11.74
C SER A 308 -23.54 -12.57 11.23
N ARG A 309 -23.75 -11.60 12.12
CA ARG A 309 -24.53 -10.42 11.80
C ARG A 309 -23.66 -9.41 11.02
N LYS A 310 -24.24 -8.25 10.74
CA LYS A 310 -23.57 -7.27 9.88
C LYS A 310 -22.29 -6.74 10.50
N TRP A 311 -22.32 -6.39 11.80
CA TRP A 311 -21.17 -5.75 12.41
C TRP A 311 -20.03 -6.72 12.69
N GLN A 312 -20.30 -8.02 12.77
CA GLN A 312 -19.22 -8.99 12.91
C GLN A 312 -18.31 -8.98 11.69
N LEU A 313 -18.89 -8.83 10.50
CA LEU A 313 -18.08 -8.76 9.28
C LEU A 313 -17.19 -7.52 9.29
N GLY A 314 -17.68 -6.41 9.85
CA GLY A 314 -16.90 -5.19 9.91
C GLY A 314 -15.79 -5.22 10.93
N VAL A 315 -16.08 -5.74 12.13
CA VAL A 315 -15.09 -5.78 13.20
C VAL A 315 -14.18 -7.00 13.12
N ALA A 316 -14.31 -7.83 12.10
CA ALA A 316 -13.48 -9.03 12.00
C ALA A 316 -12.04 -8.70 11.59
N PHE A 317 -11.85 -7.67 10.79
CA PHE A 317 -10.54 -7.34 10.24
C PHE A 317 -9.85 -6.19 10.97
N LEU A 318 -10.45 -5.71 12.06
CA LEU A 318 -9.84 -4.67 12.89
C LEU A 318 -8.51 -5.10 13.51
N PRO A 319 -8.40 -6.33 14.05
CA PRO A 319 -7.10 -6.74 14.60
C PRO A 319 -5.97 -6.67 13.60
N ALA A 320 -6.22 -7.04 12.34
CA ALA A 320 -5.18 -6.94 11.32
C ALA A 320 -4.77 -5.50 11.09
N SER A 321 -5.75 -4.58 11.05
CA SER A 321 -5.44 -3.17 10.83
C SER A 321 -4.62 -2.59 11.97
N ILE A 322 -4.93 -2.95 13.22
CA ILE A 322 -4.13 -2.46 14.35
C ILE A 322 -2.75 -3.10 14.35
N SER A 323 -2.68 -4.40 14.04
CA SER A 323 -1.42 -5.11 14.07
C SER A 323 -0.46 -4.58 13.01
N TYR A 324 -0.98 -4.23 11.83
CA TYR A 324 -0.12 -3.67 10.80
C TYR A 324 0.57 -2.40 11.29
N LEU A 325 -0.20 -1.51 11.91
CA LEU A 325 0.36 -0.26 12.44
C LEU A 325 1.42 -0.55 13.51
N ILE A 326 1.08 -1.39 14.47
CA ILE A 326 2.00 -1.67 15.57
C ILE A 326 3.29 -2.31 15.05
N GLY A 327 3.14 -3.32 14.20
CA GLY A 327 4.30 -4.02 13.68
C GLY A 327 5.18 -3.15 12.82
N THR A 328 4.56 -2.31 11.97
CA THR A 328 5.36 -1.39 11.17
C THR A 328 6.15 -0.43 12.06
N ASN A 329 5.47 0.22 13.01
CA ASN A 329 6.14 1.21 13.85
C ASN A 329 7.22 0.59 14.73
N ILE A 330 7.09 -0.67 15.13
CA ILE A 330 8.12 -1.30 15.95
C ILE A 330 9.25 -1.83 15.09
N PHE A 331 8.94 -2.54 14.00
CA PHE A 331 9.97 -3.21 13.23
C PHE A 331 10.74 -2.28 12.31
N GLY A 332 10.21 -1.08 12.00
CA GLY A 332 11.00 -0.12 11.29
C GLY A 332 12.29 0.23 12.01
N ILE A 333 12.31 0.08 13.34
CA ILE A 333 13.50 0.29 14.14
C ILE A 333 14.12 -1.05 14.51
N LEU A 334 13.29 -2.07 14.72
CA LEU A 334 13.78 -3.34 15.22
C LEU A 334 14.41 -4.24 14.15
N ALA A 335 14.22 -3.94 12.86
CA ALA A 335 14.69 -4.86 11.83
C ALA A 335 16.19 -4.76 11.57
N HIS A 336 16.82 -3.63 11.91
CA HIS A 336 18.24 -3.46 11.63
C HIS A 336 19.10 -4.30 12.58
N LYS A 337 18.68 -4.42 13.84
CA LYS A 337 19.47 -5.19 14.80
C LYS A 337 19.36 -6.69 14.56
N MET A 338 18.15 -7.18 14.28
CA MET A 338 17.96 -8.61 14.06
C MET A 338 18.45 -9.06 12.70
N GLY A 339 18.41 -8.17 11.70
CA GLY A 339 18.74 -8.55 10.34
C GLY A 339 17.52 -8.53 9.44
N ARG A 340 17.61 -7.79 8.34
CA ARG A 340 16.45 -7.62 7.46
C ARG A 340 16.02 -8.94 6.83
N TRP A 341 16.99 -9.76 6.41
CA TRP A 341 16.65 -11.05 5.80
C TRP A 341 15.96 -11.96 6.80
N LEU A 342 16.45 -12.00 8.04
CA LEU A 342 15.82 -12.83 9.07
C LEU A 342 14.41 -12.35 9.37
N CYS A 343 14.23 -11.03 9.45
CA CYS A 343 12.90 -10.48 9.70
C CYS A 343 11.93 -10.83 8.58
N ALA A 344 12.39 -10.73 7.32
CA ALA A 344 11.53 -11.08 6.20
C ALA A 344 11.18 -12.57 6.21
N LEU A 345 12.16 -13.42 6.49
CA LEU A 345 11.90 -14.85 6.55
C LEU A 345 10.89 -15.19 7.64
N LEU A 346 11.08 -14.63 8.83
CA LEU A 346 10.14 -14.88 9.92
C LEU A 346 8.75 -14.35 9.59
N GLY A 347 8.67 -13.18 8.95
CA GLY A 347 7.38 -12.65 8.56
C GLY A 347 6.65 -13.55 7.57
N MET A 348 7.37 -14.06 6.56
CA MET A 348 6.75 -14.95 5.61
C MET A 348 6.27 -16.24 6.27
N ILE A 349 7.10 -16.81 7.15
CA ILE A 349 6.69 -18.03 7.84
C ILE A 349 5.45 -17.77 8.70
N ILE A 350 5.44 -16.66 9.43
CA ILE A 350 4.31 -16.36 10.32
C ILE A 350 3.03 -16.14 9.53
N VAL A 351 3.11 -15.38 8.42
CA VAL A 351 1.89 -15.12 7.65
C VAL A 351 1.40 -16.41 7.00
N GLY A 352 2.31 -17.26 6.54
CA GLY A 352 1.88 -18.54 5.98
C GLY A 352 1.18 -19.41 7.01
N VAL A 353 1.74 -19.49 8.21
CA VAL A 353 1.13 -20.31 9.27
C VAL A 353 -0.23 -19.74 9.66
N SER A 354 -0.33 -18.42 9.78
CA SER A 354 -1.61 -17.81 10.16
C SER A 354 -2.67 -18.05 9.10
N ILE A 355 -2.31 -17.91 7.82
CA ILE A 355 -3.27 -18.17 6.75
C ILE A 355 -3.69 -19.63 6.74
N LEU A 356 -2.74 -20.53 7.01
CA LEU A 356 -3.07 -21.95 7.09
C LEU A 356 -4.03 -22.23 8.24
N CYS A 357 -3.87 -21.55 9.37
CA CYS A 357 -4.70 -21.78 10.53
C CYS A 357 -6.03 -21.03 10.48
N ILE A 358 -6.19 -20.08 9.57
CA ILE A 358 -7.45 -19.34 9.47
C ILE A 358 -8.67 -20.25 9.26
N PRO A 359 -8.65 -21.20 8.31
CA PRO A 359 -9.89 -21.97 8.03
C PRO A 359 -10.39 -22.80 9.20
N PHE A 360 -9.56 -23.08 10.21
CA PHE A 360 -9.99 -23.90 11.34
C PHE A 360 -10.86 -23.15 12.34
N ALA A 361 -11.01 -21.83 12.18
CA ALA A 361 -11.79 -21.04 13.13
C ALA A 361 -13.28 -21.39 13.05
N LYS A 362 -13.95 -21.36 14.20
CA LYS A 362 -15.38 -21.61 14.27
C LYS A 362 -16.21 -20.37 14.55
N ASN A 363 -15.61 -19.33 15.13
CA ASN A 363 -16.31 -18.08 15.40
C ASN A 363 -15.28 -16.95 15.40
N ILE A 364 -15.72 -15.75 15.79
CA ILE A 364 -14.84 -14.58 15.78
C ILE A 364 -13.68 -14.76 16.74
N TYR A 365 -13.94 -15.37 17.89
CA TYR A 365 -12.88 -15.58 18.88
C TYR A 365 -11.80 -16.52 18.34
N GLY A 366 -12.17 -17.42 17.42
CA GLY A 366 -11.17 -18.21 16.72
C GLY A 366 -10.50 -17.48 15.57
N LEU A 367 -11.01 -16.31 15.20
CA LEU A 367 -10.46 -15.54 14.10
C LEU A 367 -9.61 -14.36 14.54
N ILE A 368 -9.62 -13.99 15.82
CA ILE A 368 -8.85 -12.79 16.26
C ILE A 368 -7.35 -13.06 16.11
N ALA A 369 -6.85 -14.13 16.75
CA ALA A 369 -5.39 -14.39 16.75
C ALA A 369 -4.82 -14.62 15.35
N PRO A 370 -5.41 -15.41 14.42
CA PRO A 370 -4.86 -15.54 13.07
C PRO A 370 -4.78 -14.20 12.33
N ASN A 371 -5.84 -13.38 12.43
CA ASN A 371 -5.85 -12.05 11.75
C ASN A 371 -4.73 -11.18 12.33
N PHE A 372 -4.57 -11.22 13.66
CA PHE A 372 -3.54 -10.39 14.31
C PHE A 372 -2.18 -10.82 13.75
N GLY A 373 -1.97 -12.14 13.66
CA GLY A 373 -0.68 -12.66 13.17
C GLY A 373 -0.44 -12.22 11.74
N VAL A 374 -1.46 -12.32 10.87
CA VAL A 374 -1.29 -11.96 9.44
C VAL A 374 -0.89 -10.48 9.38
N GLY A 375 -1.60 -9.61 10.12
CA GLY A 375 -1.27 -8.18 10.01
C GLY A 375 0.15 -7.91 10.49
N PHE A 376 0.53 -8.51 11.62
CA PHE A 376 1.87 -8.23 12.19
C PHE A 376 2.93 -8.69 11.19
N ALA A 377 2.73 -9.86 10.59
CA ALA A 377 3.71 -10.43 9.65
C ALA A 377 3.84 -9.54 8.40
N ILE A 378 2.72 -9.05 7.88
CA ILE A 378 2.80 -8.13 6.69
C ILE A 378 3.53 -6.85 7.11
N GLY A 379 3.30 -6.36 8.32
CA GLY A 379 4.06 -5.19 8.80
C GLY A 379 5.55 -5.46 8.87
N MET A 380 5.94 -6.64 9.34
CA MET A 380 7.38 -7.03 9.41
C MET A 380 7.99 -7.08 8.01
N VAL A 381 7.32 -7.66 7.01
CA VAL A 381 7.85 -7.85 5.67
C VAL A 381 8.02 -6.51 4.96
N ASP A 382 7.01 -5.65 5.02
CA ASP A 382 7.10 -4.38 4.31
C ASP A 382 8.21 -3.49 4.87
N SER A 383 8.22 -3.33 6.20
CA SER A 383 9.21 -2.46 6.84
C SER A 383 10.61 -3.03 6.76
N SER A 384 10.78 -4.32 6.47
CA SER A 384 12.10 -4.87 6.24
C SER A 384 12.50 -4.91 4.78
N MET A 385 11.55 -4.83 3.85
CA MET A 385 11.88 -4.96 2.43
C MET A 385 11.95 -3.65 1.67
N MET A 386 11.44 -2.54 2.23
CA MET A 386 11.71 -1.25 1.57
C MET A 386 13.16 -0.80 1.71
N PRO A 387 13.71 -0.66 2.93
CA PRO A 387 15.11 -0.22 3.03
C PRO A 387 16.09 -1.20 2.39
N ILE A 388 15.75 -2.47 2.27
CA ILE A 388 16.63 -3.41 1.57
C ILE A 388 16.67 -3.09 0.09
N MET A 389 15.56 -2.66 -0.49
CA MET A 389 15.57 -2.22 -1.89
C MET A 389 16.46 -0.98 -2.04
N GLY A 390 16.30 -0.01 -1.15
CA GLY A 390 17.16 1.15 -1.20
C GLY A 390 18.64 0.80 -1.07
N TYR A 391 18.96 -0.10 -0.14
CA TYR A 391 20.34 -0.51 0.09
C TYR A 391 20.91 -1.26 -1.11
N LEU A 392 20.12 -2.13 -1.73
CA LEU A 392 20.60 -2.85 -2.91
C LEU A 392 20.89 -1.89 -4.06
N VAL A 393 20.02 -0.91 -4.27
CA VAL A 393 20.28 0.07 -5.32
C VAL A 393 21.55 0.87 -5.02
N ASP A 394 21.73 1.27 -3.76
CA ASP A 394 22.95 1.99 -3.40
C ASP A 394 24.19 1.12 -3.61
N LEU A 395 24.09 -0.17 -3.30
CA LEU A 395 25.26 -1.04 -3.30
C LEU A 395 25.69 -1.42 -4.71
N ARG A 396 24.75 -1.82 -5.57
CA ARG A 396 25.11 -2.45 -6.83
C ARG A 396 24.87 -1.60 -8.07
N HIS A 397 24.34 -0.39 -7.92
CA HIS A 397 24.04 0.45 -9.09
C HIS A 397 24.24 1.91 -8.71
N VAL A 398 23.73 2.80 -9.56
CA VAL A 398 23.81 4.24 -9.32
C VAL A 398 22.74 4.63 -8.30
N SER A 399 23.06 5.64 -7.49
CA SER A 399 22.21 6.03 -6.37
C SER A 399 21.08 6.94 -6.84
N VAL A 400 20.14 6.34 -7.58
CA VAL A 400 18.88 6.95 -7.95
C VAL A 400 17.78 5.98 -7.59
N TYR A 401 16.75 6.46 -6.89
CA TYR A 401 15.79 5.59 -6.23
C TYR A 401 14.40 5.60 -6.87
N GLY A 402 14.12 6.55 -7.76
CA GLY A 402 12.79 6.63 -8.34
C GLY A 402 12.39 5.36 -9.07
N SER A 403 13.31 4.78 -9.84
CA SER A 403 12.99 3.60 -10.62
C SER A 403 12.72 2.40 -9.72
N VAL A 404 13.57 2.18 -8.71
CA VAL A 404 13.39 1.01 -7.85
C VAL A 404 12.13 1.15 -6.99
N TYR A 405 11.81 2.36 -6.55
CA TYR A 405 10.58 2.50 -5.77
C TYR A 405 9.34 2.47 -6.66
N ALA A 406 9.47 2.82 -7.94
CA ALA A 406 8.40 2.51 -8.89
C ALA A 406 8.22 1.01 -9.04
N ILE A 407 9.32 0.27 -9.04
CA ILE A 407 9.24 -1.20 -9.08
C ILE A 407 8.51 -1.73 -7.85
N ALA A 408 8.84 -1.19 -6.67
CA ALA A 408 8.16 -1.62 -5.44
C ALA A 408 6.68 -1.29 -5.49
N ASP A 409 6.32 -0.10 -5.98
CA ASP A 409 4.91 0.25 -6.10
C ASP A 409 4.20 -0.67 -7.09
N VAL A 410 4.89 -1.05 -8.17
CA VAL A 410 4.33 -2.00 -9.12
C VAL A 410 4.09 -3.34 -8.44
N ALA A 411 5.02 -3.76 -7.58
CA ALA A 411 4.84 -5.02 -6.85
C ALA A 411 3.61 -4.94 -5.95
N PHE A 412 3.40 -3.80 -5.29
CA PHE A 412 2.20 -3.63 -4.47
C PHE A 412 0.93 -3.68 -5.33
N CYS A 413 0.92 -2.93 -6.43
CA CYS A 413 -0.28 -2.86 -7.27
C CYS A 413 -0.57 -4.18 -7.97
N MET A 414 0.44 -5.03 -8.17
CA MET A 414 0.17 -6.35 -8.74
C MET A 414 -0.75 -7.15 -7.83
N GLY A 415 -0.46 -7.15 -6.53
CA GLY A 415 -1.36 -7.80 -5.59
C GLY A 415 -2.69 -7.07 -5.45
N TYR A 416 -2.65 -5.73 -5.45
CA TYR A 416 -3.87 -4.96 -5.25
C TYR A 416 -4.82 -4.98 -6.45
N ALA A 417 -4.35 -5.38 -7.63
CA ALA A 417 -5.17 -5.28 -8.84
C ALA A 417 -5.95 -6.57 -9.13
N ILE A 418 -5.24 -7.68 -9.32
CA ILE A 418 -5.87 -8.93 -9.69
C ILE A 418 -6.25 -9.78 -8.48
N GLY A 419 -6.13 -9.24 -7.28
CA GLY A 419 -6.42 -9.97 -6.06
C GLY A 419 -7.86 -10.46 -5.94
N PRO A 420 -8.81 -9.52 -5.81
CA PRO A 420 -10.19 -9.94 -5.56
C PRO A 420 -10.79 -10.84 -6.63
N SER A 421 -10.58 -10.52 -7.91
CA SER A 421 -11.21 -11.29 -8.98
C SER A 421 -10.68 -12.72 -9.03
N ALA A 422 -9.35 -12.87 -9.02
CA ALA A 422 -8.76 -14.20 -9.04
C ALA A 422 -9.12 -14.97 -7.77
N GLY A 423 -9.13 -14.29 -6.63
CA GLY A 423 -9.52 -14.96 -5.39
C GLY A 423 -10.94 -15.48 -5.43
N GLY A 424 -11.87 -14.68 -5.95
CA GLY A 424 -13.24 -15.14 -6.08
C GLY A 424 -13.37 -16.28 -7.06
N ALA A 425 -12.66 -16.19 -8.19
CA ALA A 425 -12.72 -17.27 -9.17
C ALA A 425 -12.20 -18.58 -8.59
N ILE A 426 -11.10 -18.54 -7.84
CA ILE A 426 -10.56 -19.75 -7.24
C ILE A 426 -11.49 -20.26 -6.15
N ALA A 427 -12.01 -19.37 -5.30
CA ALA A 427 -12.93 -19.77 -4.25
C ALA A 427 -14.25 -20.31 -4.78
N LYS A 428 -14.58 -20.01 -6.04
CA LYS A 428 -15.72 -20.64 -6.68
C LYS A 428 -15.35 -21.98 -7.33
N ALA A 429 -14.15 -22.07 -7.93
CA ALA A 429 -13.72 -23.33 -8.54
C ALA A 429 -13.47 -24.39 -7.48
N ILE A 430 -12.71 -24.05 -6.44
CA ILE A 430 -12.45 -24.98 -5.34
C ILE A 430 -12.91 -24.31 -4.05
N GLY A 431 -12.72 -25.01 -2.92
CA GLY A 431 -13.17 -24.46 -1.66
C GLY A 431 -12.30 -23.32 -1.17
N PHE A 432 -12.91 -22.45 -0.36
CA PHE A 432 -12.16 -21.39 0.31
C PHE A 432 -11.03 -21.93 1.18
N PRO A 433 -11.21 -22.98 2.00
CA PRO A 433 -10.06 -23.54 2.72
C PRO A 433 -8.95 -24.00 1.81
N TRP A 434 -9.28 -24.53 0.63
CA TRP A 434 -8.23 -24.91 -0.32
C TRP A 434 -7.45 -23.70 -0.81
N LEU A 435 -8.14 -22.59 -1.06
CA LEU A 435 -7.46 -21.36 -1.46
C LEU A 435 -6.51 -20.88 -0.38
N MET A 436 -6.97 -20.88 0.87
CA MET A 436 -6.11 -20.46 1.97
C MET A 436 -4.92 -21.40 2.14
N THR A 437 -5.15 -22.70 1.99
CA THR A 437 -4.06 -23.67 2.07
C THR A 437 -3.03 -23.42 0.98
N ILE A 438 -3.49 -23.14 -0.24
CA ILE A 438 -2.57 -22.88 -1.34
C ILE A 438 -1.74 -21.64 -1.07
N ILE A 439 -2.40 -20.57 -0.58
CA ILE A 439 -1.67 -19.33 -0.29
C ILE A 439 -0.63 -19.57 0.79
N GLY A 440 -1.01 -20.28 1.85
CA GLY A 440 -0.07 -20.55 2.94
C GLY A 440 1.11 -21.38 2.48
N ILE A 441 0.87 -22.42 1.68
CA ILE A 441 1.96 -23.25 1.18
C ILE A 441 2.88 -22.44 0.28
N ILE A 442 2.31 -21.57 -0.56
CA ILE A 442 3.14 -20.75 -1.45
C ILE A 442 4.03 -19.82 -0.62
N ASP A 443 3.47 -19.18 0.40
CA ASP A 443 4.26 -18.28 1.23
C ASP A 443 5.36 -19.04 1.97
N ILE A 444 5.02 -20.21 2.53
CA ILE A 444 6.02 -20.99 3.26
C ILE A 444 7.14 -21.45 2.34
N LEU A 445 6.79 -21.85 1.12
CA LEU A 445 7.80 -22.32 0.17
C LEU A 445 8.68 -21.17 -0.31
N PHE A 446 8.13 -19.97 -0.46
CA PHE A 446 8.94 -18.83 -0.87
C PHE A 446 9.77 -18.27 0.27
N ALA A 447 9.41 -18.55 1.52
CA ALA A 447 10.13 -18.01 2.68
C ALA A 447 11.64 -18.25 2.65
N PRO A 448 12.16 -19.45 2.38
CA PRO A 448 13.62 -19.65 2.47
C PRO A 448 14.41 -18.92 1.39
N LEU A 449 13.76 -18.38 0.36
CA LEU A 449 14.48 -17.64 -0.66
C LEU A 449 15.09 -16.34 -0.13
N CYS A 450 14.60 -15.83 1.00
CA CYS A 450 15.12 -14.59 1.56
C CYS A 450 16.50 -14.76 2.17
N PHE A 451 17.00 -15.99 2.30
CA PHE A 451 18.34 -16.20 2.85
C PHE A 451 19.42 -15.59 1.96
N PHE A 452 19.15 -15.47 0.66
CA PHE A 452 20.14 -14.93 -0.27
C PHE A 452 20.32 -13.42 -0.13
N LEU A 453 19.47 -12.75 0.63
CA LEU A 453 19.54 -11.30 0.78
C LEU A 453 20.48 -10.84 1.88
N ARG A 454 21.07 -11.77 2.64
CA ARG A 454 21.96 -11.39 3.72
C ARG A 454 23.25 -10.78 3.17
N SER A 455 23.81 -9.84 3.93
CA SER A 455 25.02 -9.15 3.49
C SER A 455 26.20 -10.11 3.49
N PRO A 456 27.11 -9.99 2.54
CA PRO A 456 28.29 -10.88 2.48
C PRO A 456 29.11 -10.84 3.77
N PRO A 457 29.29 -9.67 4.40
CA PRO A 457 30.08 -9.82 5.64
C PRO A 457 29.25 -10.29 6.82
#